data_7B56
#
_entry.id   7B56
#
_cell.length_a   64.426
_cell.length_b   72.510
_cell.length_c   92.001
_cell.angle_alpha   90.000
_cell.angle_beta   90.000
_cell.angle_gamma   90.000
#
_symmetry.space_group_name_H-M   'P 21 21 21'
#
loop_
_entity.id
_entity.type
_entity.pdbx_description
1 polymer 'Calcium/calmodulin-dependent protein kinase type II subunit alpha'
2 polymer Alpha-actinin-2
3 non-polymer 'PHOSPHOAMINOPHOSPHONIC ACID-ADENYLATE ESTER'
4 non-polymer 'MAGNESIUM ION'
5 non-polymer '2-(N-MORPHOLINO)-ETHANESULFONIC ACID'
6 water water
#
loop_
_entity_poly.entity_id
_entity_poly.type
_entity_poly.pdbx_seq_one_letter_code
_entity_poly.pdbx_strand_id
1 'polypeptide(L)'
;SMMATITCTRFTEEYQLFEELGKGAFSVVRRCVKVLAGQEYAAKIINTKKLSARDHQKLEREARICRLLKHPNIVRLHDS
ISEEGHHYLIFDLVTGGELFEDIVAREYYSEADASHCIQQILEAVLHCHQMGVVHRDLKPENLLLASKLKGAAVKLADFG
LAIEVEGEQQAWFGFAGTPGYLSPEVLRKDPYGKPVDLWACGVILYILLVGYPPFWDEDQHRLYQQIKAGAYDFPSPEWD
TVTPEAKDLINKMLTINPSKRITAAEALKHPWISHRSTVASCMHRQETVDCLKKFNARRKLKGAILAAMLATRNFSG
;
B
2 'polypeptide(L)' SNATDTAEQVIASFRILASDKPYILAEELRRELPPDQAQYCIKRMPAYSGPGSVPGALDYAAFSSALYGESDL A
#
# COMPACT_ATOMS: atom_id res chain seq x y z
N THR A 7 30.86 19.21 8.59
CA THR A 7 30.55 20.38 9.41
C THR A 7 29.45 21.21 8.74
N CYS A 8 29.07 20.83 7.52
CA CYS A 8 27.97 21.47 6.82
C CYS A 8 26.65 20.87 7.30
N THR A 9 25.73 21.75 7.72
CA THR A 9 24.48 21.34 8.35
C THR A 9 23.31 22.10 7.72
N ARG A 10 23.13 21.94 6.42
CA ARG A 10 22.20 22.80 5.71
C ARG A 10 20.76 22.56 6.13
N PHE A 11 20.38 21.31 6.41
CA PHE A 11 19.00 21.08 6.84
C PHE A 11 18.76 21.66 8.22
N THR A 12 19.68 21.41 9.15
CA THR A 12 19.57 21.97 10.49
C THR A 12 19.54 23.49 10.44
N GLU A 13 20.28 24.09 9.50
CA GLU A 13 20.33 25.54 9.41
C GLU A 13 19.03 26.11 8.85
N GLU A 14 18.47 25.48 7.80
CA GLU A 14 17.49 26.13 6.95
C GLU A 14 16.07 25.58 7.07
N TYR A 15 15.88 24.43 7.69
CA TYR A 15 14.56 23.84 7.77
C TYR A 15 14.19 23.60 9.23
N GLN A 16 12.92 23.82 9.55
CA GLN A 16 12.38 23.55 10.87
C GLN A 16 11.48 22.33 10.78
N LEU A 17 11.67 21.38 11.70
CA LEU A 17 10.86 20.17 11.72
C LEU A 17 9.66 20.34 12.63
N PHE A 18 8.55 19.73 12.23
CA PHE A 18 7.32 19.73 13.03
C PHE A 18 6.90 18.30 13.25
N GLU A 19 5.62 18.00 13.15
CA GLU A 19 5.10 16.72 13.61
C GLU A 19 5.41 15.60 12.63
N GLU A 20 5.32 14.37 13.15
CA GLU A 20 5.51 13.18 12.34
C GLU A 20 4.30 12.96 11.45
N LEU A 21 4.55 12.75 10.17
CA LEU A 21 3.54 12.44 9.18
C LEU A 21 3.41 10.95 8.95
N GLY A 22 4.49 10.23 9.21
CA GLY A 22 4.52 8.80 8.96
C GLY A 22 5.87 8.27 9.40
N LYS A 23 5.98 6.95 9.40
CA LYS A 23 7.22 6.32 9.79
C LYS A 23 7.37 5.04 8.98
N GLY A 24 8.61 4.71 8.67
CA GLY A 24 8.95 3.45 8.07
C GLY A 24 9.74 2.60 9.04
N ALA A 25 10.22 1.48 8.51
CA ALA A 25 11.06 0.60 9.32
C ALA A 25 12.32 1.32 9.77
N PHE A 26 12.89 2.16 8.90
CA PHE A 26 14.16 2.82 9.16
C PHE A 26 14.14 4.27 8.73
N SER A 27 12.98 4.91 8.79
CA SER A 27 12.89 6.33 8.48
C SER A 27 11.79 6.91 9.33
N VAL A 28 11.81 8.23 9.49
CA VAL A 28 10.65 8.95 9.93
C VAL A 28 10.40 10.04 8.92
N VAL A 29 9.14 10.35 8.70
CA VAL A 29 8.75 11.44 7.81
C VAL A 29 8.10 12.50 8.68
N ARG A 30 8.68 13.68 8.70
CA ARG A 30 8.16 14.77 9.50
C ARG A 30 7.86 15.96 8.60
N ARG A 31 6.80 16.68 8.91
CA ARG A 31 6.58 17.92 8.20
C ARG A 31 7.74 18.86 8.52
N CYS A 32 8.17 19.61 7.51
CA CYS A 32 9.18 20.61 7.77
C CYS A 32 8.83 21.88 7.01
N VAL A 33 9.49 22.97 7.40
CA VAL A 33 9.31 24.25 6.73
C VAL A 33 10.68 24.79 6.39
N LYS A 34 10.87 25.17 5.13
CA LYS A 34 12.06 25.92 4.74
C LYS A 34 11.87 27.34 5.28
N VAL A 35 12.64 27.69 6.31
CA VAL A 35 12.26 28.79 7.19
C VAL A 35 12.24 30.12 6.42
N LEU A 36 13.29 30.37 5.62
CA LEU A 36 13.37 31.63 4.89
C LEU A 36 12.20 31.81 3.93
N ALA A 37 11.70 30.71 3.35
CA ALA A 37 10.62 30.77 2.37
C ALA A 37 9.24 30.62 2.98
N GLY A 38 9.12 30.04 4.17
CA GLY A 38 7.82 29.72 4.71
C GLY A 38 7.11 28.58 4.02
N GLN A 39 7.79 27.80 3.19
CA GLN A 39 7.15 26.73 2.43
C GLN A 39 7.32 25.39 3.14
N GLU A 40 6.22 24.64 3.24
CA GLU A 40 6.20 23.34 3.91
C GLU A 40 6.59 22.24 2.95
N TYR A 41 7.22 21.20 3.50
CA TYR A 41 7.61 20.02 2.76
C TYR A 41 7.49 18.83 3.70
N ALA A 42 7.73 17.63 3.17
CA ALA A 42 7.86 16.43 3.99
C ALA A 42 9.31 16.01 3.98
N ALA A 43 9.90 15.87 5.17
CA ALA A 43 11.28 15.43 5.30
C ALA A 43 11.29 13.96 5.68
N LYS A 44 11.82 13.13 4.78
CA LYS A 44 12.05 11.73 5.08
C LYS A 44 13.47 11.63 5.60
N ILE A 45 13.61 11.26 6.87
CA ILE A 45 14.87 11.33 7.60
C ILE A 45 15.35 9.93 7.89
N ILE A 46 16.57 9.64 7.50
CA ILE A 46 17.21 8.37 7.80
C ILE A 46 18.40 8.63 8.68
N ASN A 47 18.40 8.05 9.88
CA ASN A 47 19.55 8.08 10.74
C ASN A 47 20.59 7.10 10.20
N THR A 48 21.75 7.61 9.80
CA THR A 48 22.76 6.83 9.11
C THR A 48 23.83 6.28 10.04
N LYS A 49 23.77 6.58 11.34
CA LYS A 49 24.89 6.28 12.24
C LYS A 49 25.17 4.78 12.32
N LYS A 50 24.16 3.93 12.23
CA LYS A 50 24.35 2.50 12.44
C LYS A 50 23.97 1.66 11.22
N LEU A 51 23.99 2.24 10.02
CA LEU A 51 23.63 1.50 8.83
C LEU A 51 24.80 0.65 8.36
N SER A 52 24.49 -0.55 7.86
CA SER A 52 25.50 -1.37 7.23
C SER A 52 25.88 -0.77 5.88
N ALA A 53 26.99 -1.26 5.33
CA ALA A 53 27.43 -0.78 4.02
C ALA A 53 26.35 -1.00 2.97
N ARG A 54 25.66 -2.14 3.02
CA ARG A 54 24.62 -2.42 2.05
C ARG A 54 23.42 -1.48 2.25
N ASP A 55 23.09 -1.15 3.50
CA ASP A 55 22.00 -0.24 3.76
C ASP A 55 22.31 1.18 3.29
N HIS A 56 23.57 1.60 3.46
CA HIS A 56 23.99 2.88 2.85
C HIS A 56 23.76 2.86 1.36
N GLN A 57 24.14 1.76 0.70
CA GLN A 57 23.95 1.67 -0.75
C GLN A 57 22.49 1.75 -1.13
N LYS A 58 21.61 1.09 -0.36
CA LYS A 58 20.18 1.16 -0.65
C LYS A 58 19.65 2.57 -0.44
N LEU A 59 20.12 3.26 0.59
CA LEU A 59 19.71 4.64 0.83
C LEU A 59 20.14 5.55 -0.32
N GLU A 60 21.38 5.37 -0.76
CA GLU A 60 21.87 6.18 -1.87
C GLU A 60 21.10 5.88 -3.14
N ARG A 61 20.70 4.61 -3.32
N ARG A 61 20.70 4.62 -3.34
CA ARG A 61 19.91 4.23 -4.50
CA ARG A 61 19.92 4.29 -4.53
C ARG A 61 18.56 4.90 -4.49
C ARG A 61 18.54 4.93 -4.49
N GLU A 62 17.87 4.89 -3.34
CA GLU A 62 16.57 5.53 -3.25
C GLU A 62 16.68 7.02 -3.55
N ALA A 63 17.73 7.67 -3.05
CA ALA A 63 17.89 9.10 -3.28
C ALA A 63 18.12 9.40 -4.76
N ARG A 64 18.94 8.59 -5.43
CA ARG A 64 19.15 8.76 -6.88
C ARG A 64 17.84 8.57 -7.63
N ILE A 65 17.11 7.51 -7.32
CA ILE A 65 15.89 7.22 -8.07
C ILE A 65 14.85 8.31 -7.84
N CYS A 66 14.71 8.77 -6.58
CA CYS A 66 13.75 9.83 -6.28
C CYS A 66 14.08 11.11 -7.04
N ARG A 67 15.37 11.44 -7.18
CA ARG A 67 15.75 12.65 -7.91
C ARG A 67 15.36 12.52 -9.38
N LEU A 68 15.38 11.31 -9.92
CA LEU A 68 15.17 11.06 -11.34
C LEU A 68 13.71 11.20 -11.73
N LEU A 69 12.78 10.94 -10.81
CA LEU A 69 11.38 10.75 -11.15
C LEU A 69 10.57 12.02 -10.94
N LYS A 70 10.10 12.61 -12.04
CA LYS A 70 9.31 13.84 -12.04
C LYS A 70 8.05 13.56 -12.83
N HIS A 71 6.92 13.39 -12.12
CA HIS A 71 5.68 13.01 -12.78
C HIS A 71 4.55 13.44 -11.87
N PRO A 72 3.39 13.82 -12.41
CA PRO A 72 2.28 14.26 -11.53
C PRO A 72 1.76 13.19 -10.59
N ASN A 73 2.01 11.92 -10.88
CA ASN A 73 1.53 10.84 -10.04
C ASN A 73 2.63 10.15 -9.24
N ILE A 74 3.76 10.83 -9.05
CA ILE A 74 4.87 10.32 -8.26
C ILE A 74 5.29 11.41 -7.27
N VAL A 75 5.61 11.01 -6.03
CA VAL A 75 6.14 11.97 -5.06
C VAL A 75 7.32 12.69 -5.70
N ARG A 76 7.44 13.98 -5.38
CA ARG A 76 8.39 14.86 -6.04
C ARG A 76 9.46 15.26 -5.04
N LEU A 77 10.71 14.97 -5.38
CA LEU A 77 11.82 15.34 -4.51
C LEU A 77 12.13 16.81 -4.69
N HIS A 78 12.13 17.56 -3.59
CA HIS A 78 12.48 18.97 -3.62
C HIS A 78 13.96 19.22 -3.35
N ASP A 79 14.56 18.47 -2.45
CA ASP A 79 15.90 18.77 -1.98
C ASP A 79 16.40 17.47 -1.34
N SER A 80 17.70 17.37 -1.20
CA SER A 80 18.32 16.20 -0.57
C SER A 80 19.54 16.72 0.15
N ILE A 81 19.67 16.38 1.43
CA ILE A 81 20.70 16.95 2.29
C ILE A 81 21.33 15.85 3.13
N SER A 82 22.65 15.81 3.11
CA SER A 82 23.42 14.87 3.89
C SER A 82 24.05 15.66 5.04
N GLU A 83 23.82 15.20 6.26
CA GLU A 83 24.50 15.71 7.44
C GLU A 83 25.22 14.53 8.10
N GLU A 84 25.99 14.84 9.15
CA GLU A 84 26.86 13.87 9.79
C GLU A 84 26.21 12.50 10.01
N GLY A 85 25.10 12.46 10.74
CA GLY A 85 24.49 11.19 11.06
C GLY A 85 23.09 11.04 10.49
N HIS A 86 22.73 11.86 9.52
CA HIS A 86 21.37 11.87 9.01
C HIS A 86 21.36 12.20 7.53
N HIS A 87 20.47 11.56 6.81
CA HIS A 87 20.15 11.93 5.44
C HIS A 87 18.70 12.38 5.36
N TYR A 88 18.47 13.48 4.65
CA TYR A 88 17.15 14.07 4.49
C TYR A 88 16.77 14.04 3.02
N LEU A 89 15.67 13.37 2.71
CA LEU A 89 15.02 13.49 1.42
C LEU A 89 13.80 14.38 1.62
N ILE A 90 13.80 15.54 1.00
CA ILE A 90 12.78 16.55 1.22
C ILE A 90 11.83 16.51 0.03
N PHE A 91 10.60 16.11 0.27
CA PHE A 91 9.61 15.94 -0.78
C PHE A 91 8.55 17.02 -0.70
N ASP A 92 7.93 17.31 -1.84
CA ASP A 92 6.72 18.10 -1.80
C ASP A 92 5.69 17.37 -0.94
N LEU A 93 4.99 18.13 -0.12
CA LEU A 93 4.08 17.56 0.87
C LEU A 93 2.81 17.07 0.17
N VAL A 94 2.42 15.84 0.45
CA VAL A 94 1.13 15.32 0.02
C VAL A 94 0.29 15.13 1.27
N THR A 95 -0.94 15.61 1.24
CA THR A 95 -1.73 15.72 2.45
C THR A 95 -3.01 14.92 2.41
N GLY A 96 -3.24 14.15 1.35
CA GLY A 96 -4.47 13.41 1.23
C GLY A 96 -4.50 12.06 1.90
N GLY A 97 -3.39 11.59 2.47
CA GLY A 97 -3.37 10.29 3.10
C GLY A 97 -3.39 9.16 2.10
N GLU A 98 -3.62 7.95 2.62
CA GLU A 98 -3.61 6.76 1.79
C GLU A 98 -4.86 6.68 0.93
N LEU A 99 -4.68 6.28 -0.32
CA LEU A 99 -5.79 6.10 -1.26
C LEU A 99 -6.91 5.24 -0.67
N PHE A 100 -6.56 4.09 -0.09
CA PHE A 100 -7.59 3.17 0.36
C PHE A 100 -8.38 3.73 1.53
N GLU A 101 -7.72 4.50 2.41
CA GLU A 101 -8.45 5.17 3.46
C GLU A 101 -9.41 6.21 2.90
N ASP A 102 -9.00 6.90 1.83
CA ASP A 102 -9.87 7.91 1.25
C ASP A 102 -11.09 7.28 0.60
N ILE A 103 -10.92 6.13 -0.07
CA ILE A 103 -12.06 5.48 -0.71
C ILE A 103 -13.12 5.18 0.35
N VAL A 104 -12.68 4.63 1.48
CA VAL A 104 -13.62 4.31 2.54
C VAL A 104 -14.27 5.57 3.08
N ALA A 105 -13.46 6.60 3.34
CA ALA A 105 -13.97 7.81 3.95
C ALA A 105 -14.99 8.52 3.08
N ARG A 106 -14.79 8.50 1.76
CA ARG A 106 -15.74 9.12 0.83
C ARG A 106 -16.91 8.22 0.48
N GLU A 107 -16.90 6.97 0.95
CA GLU A 107 -18.08 6.12 1.04
C GLU A 107 -18.53 5.46 -0.26
N TYR A 108 -18.47 6.16 -1.39
CA TYR A 108 -19.06 5.69 -2.63
C TYR A 108 -17.97 5.38 -3.63
N TYR A 109 -18.11 4.27 -4.35
CA TYR A 109 -17.04 3.89 -5.26
C TYR A 109 -17.59 2.99 -6.34
N SER A 110 -17.22 3.28 -7.59
CA SER A 110 -17.66 2.49 -8.74
C SER A 110 -16.47 2.06 -9.57
N GLU A 111 -16.74 1.26 -10.59
CA GLU A 111 -15.70 0.90 -11.54
C GLU A 111 -15.09 2.13 -12.18
N ALA A 112 -15.92 3.12 -12.55
CA ALA A 112 -15.40 4.34 -13.13
C ALA A 112 -14.38 5.00 -12.22
N ASP A 113 -14.64 5.01 -10.91
CA ASP A 113 -13.66 5.57 -9.99
C ASP A 113 -12.39 4.72 -9.96
N ALA A 114 -12.55 3.40 -9.95
CA ALA A 114 -11.40 2.51 -9.93
C ALA A 114 -10.57 2.65 -11.18
N SER A 115 -11.24 2.82 -12.32
CA SER A 115 -10.54 2.99 -13.60
C SER A 115 -9.72 4.27 -13.61
N HIS A 116 -10.31 5.37 -13.13
CA HIS A 116 -9.57 6.64 -13.04
C HIS A 116 -8.37 6.50 -12.11
N CYS A 117 -8.55 5.79 -11.00
N CYS A 117 -8.53 5.74 -11.04
CA CYS A 117 -7.46 5.55 -10.07
CA CYS A 117 -7.46 5.56 -10.08
C CYS A 117 -6.35 4.75 -10.74
C CYS A 117 -6.33 4.71 -10.66
N ILE A 118 -6.68 3.57 -11.26
CA ILE A 118 -5.63 2.71 -11.82
C ILE A 118 -4.98 3.37 -13.02
N GLN A 119 -5.70 4.22 -13.76
CA GLN A 119 -5.06 4.96 -14.85
C GLN A 119 -3.90 5.80 -14.34
N GLN A 120 -4.10 6.49 -13.21
CA GLN A 120 -3.03 7.31 -12.65
C GLN A 120 -1.88 6.44 -12.15
N ILE A 121 -2.19 5.33 -11.48
CA ILE A 121 -1.15 4.41 -11.05
C ILE A 121 -0.36 3.90 -12.24
N LEU A 122 -1.05 3.55 -13.32
CA LEU A 122 -0.37 3.07 -14.51
C LEU A 122 0.47 4.15 -15.17
N GLU A 123 0.00 5.41 -15.16
CA GLU A 123 0.81 6.49 -15.71
C GLU A 123 2.08 6.65 -14.90
N ALA A 124 1.99 6.53 -13.58
CA ALA A 124 3.19 6.60 -12.74
C ALA A 124 4.11 5.43 -13.03
N VAL A 125 3.56 4.22 -13.13
CA VAL A 125 4.38 3.05 -13.41
C VAL A 125 5.04 3.17 -14.78
N LEU A 126 4.28 3.61 -15.79
CA LEU A 126 4.86 3.79 -17.11
C LEU A 126 6.01 4.77 -17.05
N HIS A 127 5.86 5.85 -16.29
CA HIS A 127 6.94 6.82 -16.20
C HIS A 127 8.18 6.19 -15.58
N CYS A 128 8.01 5.46 -14.48
CA CYS A 128 9.13 4.75 -13.87
C CYS A 128 9.82 3.86 -14.90
N HIS A 129 9.03 3.10 -15.64
CA HIS A 129 9.60 2.15 -16.59
C HIS A 129 10.31 2.85 -17.73
N GLN A 130 9.76 3.99 -18.19
CA GLN A 130 10.42 4.76 -19.23
C GLN A 130 11.74 5.34 -18.76
N MET A 131 11.92 5.51 -17.47
CA MET A 131 13.16 6.00 -16.87
C MET A 131 14.07 4.87 -16.40
N GLY A 132 13.73 3.62 -16.71
CA GLY A 132 14.54 2.50 -16.29
C GLY A 132 14.43 2.16 -14.83
N VAL A 133 13.29 2.42 -14.21
CA VAL A 133 13.08 2.12 -12.79
C VAL A 133 11.93 1.15 -12.66
N VAL A 134 12.13 0.11 -11.87
CA VAL A 134 11.07 -0.81 -11.48
C VAL A 134 10.82 -0.63 -9.98
N HIS A 135 9.58 -0.42 -9.61
CA HIS A 135 9.30 -0.01 -8.24
C HIS A 135 9.42 -1.17 -7.27
N ARG A 136 8.90 -2.33 -7.67
CA ARG A 136 8.96 -3.59 -6.92
C ARG A 136 8.08 -3.65 -5.67
N ASP A 137 7.45 -2.55 -5.28
CA ASP A 137 6.70 -2.56 -4.03
C ASP A 137 5.40 -1.79 -4.18
N LEU A 138 4.73 -1.96 -5.32
CA LEU A 138 3.42 -1.35 -5.49
C LEU A 138 2.43 -2.07 -4.59
N LYS A 139 1.80 -1.29 -3.72
CA LYS A 139 0.82 -1.82 -2.80
C LYS A 139 0.05 -0.63 -2.24
N PRO A 140 -1.10 -0.87 -1.62
CA PRO A 140 -1.94 0.25 -1.19
C PRO A 140 -1.24 1.25 -0.29
N GLU A 141 -0.39 0.78 0.62
CA GLU A 141 0.27 1.66 1.56
C GLU A 141 1.23 2.65 0.88
N ASN A 142 1.57 2.41 -0.38
CA ASN A 142 2.44 3.31 -1.11
C ASN A 142 1.69 4.13 -2.14
N LEU A 143 0.36 4.19 -2.04
CA LEU A 143 -0.46 5.03 -2.91
C LEU A 143 -1.07 6.11 -2.06
N LEU A 144 -0.56 7.32 -2.19
CA LEU A 144 -1.04 8.46 -1.42
C LEU A 144 -1.88 9.35 -2.32
N LEU A 145 -2.52 10.34 -1.71
CA LEU A 145 -3.28 11.33 -2.43
C LEU A 145 -2.66 12.71 -2.19
N ALA A 146 -2.67 13.53 -3.24
CA ALA A 146 -1.95 14.80 -3.20
C ALA A 146 -2.48 15.73 -2.13
N SER A 147 -3.79 15.71 -1.90
CA SER A 147 -4.40 16.60 -0.92
C SER A 147 -5.75 16.02 -0.57
N LYS A 148 -6.45 16.69 0.33
CA LYS A 148 -7.80 16.32 0.71
C LYS A 148 -8.85 16.86 -0.25
N LEU A 149 -8.45 17.56 -1.30
CA LEU A 149 -9.39 18.01 -2.31
C LEU A 149 -9.99 16.82 -3.02
N LYS A 150 -11.30 16.89 -3.30
CA LYS A 150 -11.92 15.84 -4.09
C LYS A 150 -11.28 15.81 -5.48
N GLY A 151 -10.96 14.62 -5.95
CA GLY A 151 -10.28 14.48 -7.20
C GLY A 151 -8.78 14.66 -7.14
N ALA A 152 -8.20 14.63 -5.94
CA ALA A 152 -6.76 14.81 -5.81
C ALA A 152 -6.03 13.66 -6.51
N ALA A 153 -4.87 13.98 -7.06
CA ALA A 153 -4.09 12.99 -7.79
C ALA A 153 -3.55 11.91 -6.87
N VAL A 154 -3.53 10.67 -7.38
CA VAL A 154 -2.79 9.61 -6.73
C VAL A 154 -1.30 9.87 -6.88
N LYS A 155 -0.55 9.63 -5.81
CA LYS A 155 0.91 9.79 -5.79
C LYS A 155 1.54 8.48 -5.36
N LEU A 156 2.35 7.91 -6.23
CA LEU A 156 3.14 6.73 -5.90
C LEU A 156 4.31 7.15 -5.02
N ALA A 157 4.50 6.44 -3.92
CA ALA A 157 5.52 6.77 -2.93
C ALA A 157 6.39 5.55 -2.65
N ASP A 158 7.42 5.77 -1.82
CA ASP A 158 8.32 4.75 -1.28
C ASP A 158 9.09 4.01 -2.35
N PHE A 159 10.15 4.64 -2.84
CA PHE A 159 11.07 4.02 -3.78
C PHE A 159 12.20 3.27 -3.07
N GLY A 160 11.98 2.86 -1.82
CA GLY A 160 12.99 2.16 -1.06
C GLY A 160 13.38 0.79 -1.57
N LEU A 161 12.50 0.13 -2.31
CA LEU A 161 12.83 -1.15 -2.95
C LEU A 161 13.05 -1.03 -4.44
N ALA A 162 12.96 0.17 -5.01
CA ALA A 162 13.01 0.31 -6.44
C ALA A 162 14.41 -0.02 -6.95
N ILE A 163 14.47 -0.52 -8.18
CA ILE A 163 15.73 -0.86 -8.79
C ILE A 163 15.83 -0.21 -10.16
N GLU A 164 17.06 -0.11 -10.65
CA GLU A 164 17.32 0.40 -11.98
C GLU A 164 17.58 -0.78 -12.91
N VAL A 165 16.89 -0.79 -14.05
CA VAL A 165 17.05 -1.81 -15.06
C VAL A 165 17.59 -1.16 -16.32
N GLU A 166 18.11 -1.98 -17.21
CA GLU A 166 18.69 -1.48 -18.46
C GLU A 166 17.82 -1.95 -19.61
N GLY A 167 17.04 -1.03 -20.18
CA GLY A 167 16.13 -1.41 -21.24
C GLY A 167 15.19 -2.49 -20.77
N GLU A 168 15.14 -3.59 -21.51
CA GLU A 168 14.25 -4.69 -21.22
C GLU A 168 14.97 -5.92 -20.66
N GLN A 169 16.23 -5.80 -20.26
CA GLN A 169 16.94 -6.98 -19.76
C GLN A 169 16.38 -7.40 -18.41
N GLN A 170 16.19 -8.70 -18.24
CA GLN A 170 15.75 -9.31 -17.00
C GLN A 170 16.95 -9.85 -16.24
N ALA A 171 16.86 -9.81 -14.92
CA ALA A 171 17.90 -10.36 -14.07
C ALA A 171 17.29 -10.79 -12.75
N TRP A 172 17.99 -11.65 -12.03
CA TRP A 172 17.62 -11.94 -10.66
C TRP A 172 18.05 -10.76 -9.81
N PHE A 173 17.13 -9.85 -9.54
CA PHE A 173 17.39 -8.70 -8.70
C PHE A 173 17.12 -8.96 -7.23
N GLY A 174 16.79 -10.19 -6.87
CA GLY A 174 16.63 -10.50 -5.47
C GLY A 174 15.18 -10.66 -5.07
N PHE A 175 14.99 -11.28 -3.93
CA PHE A 175 13.65 -11.51 -3.39
C PHE A 175 13.28 -10.29 -2.58
N ALA A 176 12.43 -9.44 -3.13
CA ALA A 176 12.01 -8.22 -2.44
C ALA A 176 10.57 -7.92 -2.80
N GLY A 177 9.86 -7.37 -1.84
CA GLY A 177 8.49 -6.96 -2.06
C GLY A 177 7.63 -7.38 -0.89
N THR A 178 6.33 -7.30 -1.10
CA THR A 178 5.36 -7.57 -0.07
C THR A 178 4.56 -8.80 -0.46
N PRO A 179 4.41 -9.79 0.44
CA PRO A 179 3.95 -11.14 0.03
C PRO A 179 2.71 -11.19 -0.87
N GLY A 180 1.62 -10.53 -0.50
CA GLY A 180 0.41 -10.62 -1.31
C GLY A 180 0.51 -10.01 -2.69
N TYR A 181 1.55 -9.22 -2.95
CA TYR A 181 1.70 -8.53 -4.24
C TYR A 181 2.83 -9.11 -5.08
N LEU A 182 3.53 -10.10 -4.56
CA LEU A 182 4.67 -10.67 -5.25
C LEU A 182 4.23 -11.40 -6.51
N SER A 183 5.07 -11.32 -7.53
CA SER A 183 4.76 -11.92 -8.81
C SER A 183 5.22 -13.37 -8.85
N PRO A 184 4.61 -14.18 -9.71
CA PRO A 184 5.06 -15.58 -9.86
C PRO A 184 6.53 -15.69 -10.18
N GLU A 185 7.04 -14.84 -11.08
CA GLU A 185 8.44 -14.98 -11.46
C GLU A 185 9.38 -14.71 -10.30
N VAL A 186 9.05 -13.74 -9.44
CA VAL A 186 9.87 -13.53 -8.25
C VAL A 186 9.82 -14.75 -7.34
N LEU A 187 8.62 -15.30 -7.11
CA LEU A 187 8.49 -16.48 -6.25
C LEU A 187 9.19 -17.70 -6.83
N ARG A 188 9.29 -17.80 -8.16
CA ARG A 188 10.00 -18.91 -8.79
C ARG A 188 11.52 -18.69 -8.82
N LYS A 189 12.00 -17.54 -8.34
CA LYS A 189 13.39 -17.15 -8.45
C LYS A 189 13.86 -17.05 -9.89
N ASP A 190 12.97 -16.62 -10.80
CA ASP A 190 13.32 -16.39 -12.19
C ASP A 190 13.81 -14.96 -12.38
N PRO A 191 14.61 -14.70 -13.42
CA PRO A 191 14.96 -13.31 -13.74
C PRO A 191 13.68 -12.53 -14.00
N TYR A 192 13.68 -11.26 -13.60
CA TYR A 192 12.47 -10.48 -13.71
C TYR A 192 12.80 -9.05 -14.09
N GLY A 193 11.75 -8.26 -14.30
CA GLY A 193 11.93 -6.86 -14.62
C GLY A 193 10.64 -6.07 -14.48
N LYS A 194 10.39 -5.17 -15.43
CA LYS A 194 9.20 -4.31 -15.40
C LYS A 194 7.88 -5.05 -15.17
N PRO A 195 7.64 -6.24 -15.72
CA PRO A 195 6.34 -6.88 -15.51
C PRO A 195 5.95 -7.10 -14.06
N VAL A 196 6.91 -7.19 -13.12
CA VAL A 196 6.50 -7.39 -11.73
C VAL A 196 5.57 -6.29 -11.27
N ASP A 197 5.79 -5.06 -11.74
CA ASP A 197 4.93 -3.96 -11.32
C ASP A 197 3.53 -4.12 -11.87
N LEU A 198 3.39 -4.72 -13.06
CA LEU A 198 2.07 -4.88 -13.64
C LEU A 198 1.28 -5.98 -12.94
N TRP A 199 1.97 -7.01 -12.45
CA TRP A 199 1.29 -8.00 -11.62
C TRP A 199 0.73 -7.34 -10.36
N ALA A 200 1.55 -6.52 -9.71
CA ALA A 200 1.08 -5.83 -8.51
C ALA A 200 -0.08 -4.92 -8.83
N CYS A 201 -0.05 -4.26 -10.00
CA CYS A 201 -1.17 -3.42 -10.40
C CYS A 201 -2.44 -4.24 -10.55
N GLY A 202 -2.31 -5.47 -11.06
CA GLY A 202 -3.47 -6.34 -11.16
C GLY A 202 -4.03 -6.71 -9.79
N VAL A 203 -3.14 -6.93 -8.84
CA VAL A 203 -3.60 -7.23 -7.48
C VAL A 203 -4.34 -6.02 -6.93
N ILE A 204 -3.76 -4.82 -7.11
CA ILE A 204 -4.39 -3.60 -6.62
C ILE A 204 -5.73 -3.38 -7.30
N LEU A 205 -5.79 -3.58 -8.62
CA LEU A 205 -7.04 -3.37 -9.34
C LEU A 205 -8.12 -4.33 -8.84
N TYR A 206 -7.75 -5.58 -8.61
CA TYR A 206 -8.70 -6.54 -8.08
C TYR A 206 -9.29 -6.03 -6.77
N ILE A 207 -8.42 -5.53 -5.87
CA ILE A 207 -8.90 -5.01 -4.59
C ILE A 207 -9.77 -3.77 -4.79
N LEU A 208 -9.41 -2.91 -5.75
CA LEU A 208 -10.24 -1.73 -5.97
C LEU A 208 -11.64 -2.11 -6.43
N LEU A 209 -11.80 -3.27 -7.07
CA LEU A 209 -13.13 -3.64 -7.57
C LEU A 209 -14.00 -4.32 -6.52
N VAL A 210 -13.42 -5.14 -5.64
CA VAL A 210 -14.22 -5.92 -4.69
C VAL A 210 -13.80 -5.77 -3.23
N GLY A 211 -12.66 -5.14 -2.97
CA GLY A 211 -12.31 -4.78 -1.62
C GLY A 211 -11.61 -5.86 -0.82
N TYR A 212 -11.22 -6.96 -1.46
CA TYR A 212 -10.43 -8.00 -0.82
C TYR A 212 -9.41 -8.49 -1.84
N PRO A 213 -8.34 -9.13 -1.38
CA PRO A 213 -7.24 -9.45 -2.27
C PRO A 213 -7.49 -10.73 -3.05
N PRO A 214 -6.89 -10.86 -4.23
CA PRO A 214 -7.09 -12.08 -5.03
C PRO A 214 -6.39 -13.29 -4.46
N PHE A 215 -5.27 -13.09 -3.77
CA PHE A 215 -4.50 -14.17 -3.15
C PHE A 215 -4.40 -13.88 -1.65
N TRP A 216 -4.78 -14.88 -0.85
CA TRP A 216 -4.83 -14.68 0.58
C TRP A 216 -4.78 -16.06 1.22
N ASP A 217 -3.80 -16.28 2.09
CA ASP A 217 -3.74 -17.51 2.87
C ASP A 217 -2.86 -17.24 4.08
N GLU A 218 -3.30 -17.71 5.25
CA GLU A 218 -2.50 -17.54 6.45
C GLU A 218 -1.21 -18.33 6.40
N ASP A 219 -1.18 -19.39 5.59
CA ASP A 219 0.02 -20.18 5.37
C ASP A 219 0.75 -19.54 4.20
N GLN A 220 1.89 -18.91 4.49
CA GLN A 220 2.57 -18.17 3.42
C GLN A 220 3.08 -19.09 2.33
N HIS A 221 3.51 -20.30 2.69
CA HIS A 221 3.89 -21.28 1.67
C HIS A 221 2.75 -21.54 0.72
N ARG A 222 1.52 -21.68 1.25
CA ARG A 222 0.36 -21.92 0.43
C ARG A 222 -0.02 -20.68 -0.39
N LEU A 223 0.09 -19.50 0.22
CA LEU A 223 -0.12 -18.26 -0.52
C LEU A 223 0.77 -18.21 -1.76
N TYR A 224 2.06 -18.52 -1.58
CA TYR A 224 2.98 -18.45 -2.71
C TYR A 224 2.67 -19.52 -3.75
N GLN A 225 2.19 -20.68 -3.32
CA GLN A 225 1.72 -21.69 -4.26
C GLN A 225 0.56 -21.15 -5.08
N GLN A 226 -0.38 -20.47 -4.42
CA GLN A 226 -1.55 -19.92 -5.12
C GLN A 226 -1.14 -18.85 -6.11
N ILE A 227 -0.22 -17.96 -5.72
CA ILE A 227 0.26 -16.94 -6.64
C ILE A 227 0.93 -17.58 -7.85
N LYS A 228 1.82 -18.54 -7.59
CA LYS A 228 2.55 -19.17 -8.69
C LYS A 228 1.61 -19.91 -9.64
N ALA A 229 0.51 -20.43 -9.10
CA ALA A 229 -0.49 -21.11 -9.91
C ALA A 229 -1.48 -20.14 -10.55
N GLY A 230 -1.39 -18.85 -10.24
CA GLY A 230 -2.38 -17.91 -10.73
C GLY A 230 -3.79 -18.26 -10.27
N ALA A 231 -3.93 -18.79 -9.06
CA ALA A 231 -5.22 -19.32 -8.62
C ALA A 231 -6.00 -18.23 -7.90
N TYR A 232 -6.62 -17.36 -8.70
CA TYR A 232 -7.60 -16.40 -8.21
C TYR A 232 -8.92 -16.70 -8.90
N ASP A 233 -9.98 -16.08 -8.41
CA ASP A 233 -11.30 -16.33 -8.94
C ASP A 233 -12.09 -15.03 -8.92
N PHE A 234 -13.18 -15.00 -9.69
CA PHE A 234 -14.14 -13.91 -9.71
C PHE A 234 -15.48 -14.46 -9.21
N PRO A 235 -15.61 -14.72 -7.93
CA PRO A 235 -16.83 -15.39 -7.43
C PRO A 235 -18.06 -14.50 -7.43
N SER A 236 -19.20 -15.15 -7.56
CA SER A 236 -20.50 -14.56 -7.31
C SER A 236 -20.72 -14.44 -5.81
N PRO A 237 -21.50 -13.45 -5.38
CA PRO A 237 -22.25 -12.52 -6.23
C PRO A 237 -21.49 -11.28 -6.66
N GLU A 238 -20.43 -10.91 -5.95
CA GLU A 238 -19.88 -9.57 -6.14
C GLU A 238 -19.35 -9.36 -7.56
N TRP A 239 -18.74 -10.38 -8.16
CA TRP A 239 -18.20 -10.22 -9.49
C TRP A 239 -19.27 -10.27 -10.59
N ASP A 240 -20.51 -10.62 -10.24
CA ASP A 240 -21.56 -10.73 -11.26
C ASP A 240 -21.88 -9.39 -11.89
N THR A 241 -21.66 -8.30 -11.15
CA THR A 241 -21.96 -6.96 -11.60
C THR A 241 -20.73 -6.22 -12.14
N VAL A 242 -19.58 -6.87 -12.18
CA VAL A 242 -18.37 -6.25 -12.71
C VAL A 242 -18.33 -6.48 -14.22
N THR A 243 -17.99 -5.42 -14.96
CA THR A 243 -18.03 -5.51 -16.41
C THR A 243 -17.01 -6.53 -16.91
N PRO A 244 -17.32 -7.18 -18.03
CA PRO A 244 -16.34 -8.10 -18.63
C PRO A 244 -15.02 -7.43 -18.93
N GLU A 245 -15.05 -6.13 -19.29
CA GLU A 245 -13.82 -5.44 -19.64
C GLU A 245 -12.91 -5.25 -18.43
N ALA A 246 -13.50 -4.99 -17.26
CA ALA A 246 -12.69 -4.90 -16.05
C ALA A 246 -12.06 -6.25 -15.72
N LYS A 247 -12.84 -7.32 -15.82
CA LYS A 247 -12.27 -8.65 -15.57
C LYS A 247 -11.18 -8.96 -16.58
N ASP A 248 -11.37 -8.52 -17.82
CA ASP A 248 -10.38 -8.78 -18.85
C ASP A 248 -9.06 -8.10 -18.54
N LEU A 249 -9.11 -6.83 -18.09
CA LEU A 249 -7.87 -6.14 -17.74
C LEU A 249 -7.18 -6.82 -16.56
N ILE A 250 -7.95 -7.26 -15.55
CA ILE A 250 -7.33 -7.97 -14.43
C ILE A 250 -6.65 -9.25 -14.92
N ASN A 251 -7.35 -10.01 -15.78
CA ASN A 251 -6.76 -11.24 -16.31
C ASN A 251 -5.44 -10.97 -17.00
N LYS A 252 -5.37 -9.86 -17.75
CA LYS A 252 -4.16 -9.55 -18.50
C LYS A 252 -3.02 -9.07 -17.61
N MET A 253 -3.35 -8.46 -16.46
CA MET A 253 -2.30 -8.12 -15.50
C MET A 253 -1.87 -9.32 -14.69
N LEU A 254 -2.83 -10.16 -14.29
CA LEU A 254 -2.55 -11.36 -13.50
C LEU A 254 -2.28 -12.57 -14.39
N THR A 255 -1.44 -12.36 -15.39
CA THR A 255 -0.99 -13.41 -16.29
C THR A 255 0.34 -13.94 -15.76
N ILE A 256 0.42 -15.24 -15.55
CA ILE A 256 1.59 -15.82 -14.89
C ILE A 256 2.84 -15.63 -15.73
N ASN A 257 2.71 -15.77 -17.05
CA ASN A 257 3.86 -15.62 -17.93
C ASN A 257 4.14 -14.12 -18.07
N PRO A 258 5.25 -13.64 -17.52
CA PRO A 258 5.50 -12.19 -17.57
C PRO A 258 5.72 -11.67 -18.97
N SER A 259 6.13 -12.52 -19.91
CA SER A 259 6.30 -12.07 -21.28
C SER A 259 4.97 -11.85 -22.00
N LYS A 260 3.90 -12.51 -21.54
CA LYS A 260 2.57 -12.31 -22.09
C LYS A 260 1.73 -11.32 -21.28
N ARG A 261 2.19 -10.94 -20.10
CA ARG A 261 1.46 -10.02 -19.25
C ARG A 261 1.36 -8.65 -19.92
N ILE A 262 0.21 -7.98 -19.76
CA ILE A 262 0.04 -6.67 -20.35
C ILE A 262 1.06 -5.71 -19.75
N THR A 263 1.53 -4.77 -20.57
CA THR A 263 2.46 -3.75 -20.09
C THR A 263 1.68 -2.51 -19.65
N ALA A 264 2.40 -1.59 -19.01
CA ALA A 264 1.75 -0.35 -18.58
C ALA A 264 1.21 0.44 -19.77
N ALA A 265 2.03 0.59 -20.82
CA ALA A 265 1.56 1.27 -22.02
C ALA A 265 0.34 0.61 -22.62
N GLU A 266 0.34 -0.73 -22.70
CA GLU A 266 -0.82 -1.43 -23.26
C GLU A 266 -2.03 -1.31 -22.35
N ALA A 267 -1.80 -1.37 -21.04
CA ALA A 267 -2.92 -1.25 -20.10
C ALA A 267 -3.59 0.11 -20.22
N LEU A 268 -2.80 1.16 -20.45
CA LEU A 268 -3.38 2.49 -20.59
C LEU A 268 -4.25 2.59 -21.85
N LYS A 269 -4.07 1.71 -22.82
CA LYS A 269 -4.91 1.70 -24.00
C LYS A 269 -6.09 0.74 -23.88
N HIS A 270 -6.18 -0.01 -22.79
CA HIS A 270 -7.28 -0.95 -22.65
C HIS A 270 -8.59 -0.17 -22.55
N PRO A 271 -9.65 -0.64 -23.22
CA PRO A 271 -10.90 0.14 -23.27
C PRO A 271 -11.48 0.49 -21.90
N TRP A 272 -11.29 -0.35 -20.89
CA TRP A 272 -11.85 0.01 -19.58
C TRP A 272 -11.14 1.21 -18.98
N ILE A 273 -9.93 1.50 -19.44
CA ILE A 273 -9.16 2.67 -19.04
C ILE A 273 -9.39 3.79 -20.05
N SER A 274 -9.09 3.52 -21.32
CA SER A 274 -9.08 4.59 -22.31
C SER A 274 -10.47 5.04 -22.72
N HIS A 275 -11.47 4.17 -22.56
CA HIS A 275 -12.86 4.47 -22.87
C HIS A 275 -13.71 4.29 -21.62
N ARG A 276 -13.14 4.71 -20.49
CA ARG A 276 -13.80 4.55 -19.20
C ARG A 276 -15.22 5.09 -19.20
N SER A 277 -15.43 6.25 -19.84
CA SER A 277 -16.73 6.90 -19.79
C SER A 277 -17.83 6.07 -20.45
N THR A 278 -17.48 5.17 -21.38
CA THR A 278 -18.48 4.33 -22.02
C THR A 278 -18.37 2.86 -21.64
N VAL A 279 -17.31 2.46 -20.95
CA VAL A 279 -17.03 1.05 -20.71
C VAL A 279 -17.14 0.69 -19.24
N ALA A 280 -16.66 1.55 -18.35
CA ALA A 280 -16.67 1.23 -16.93
C ALA A 280 -18.02 1.55 -16.32
N SER A 281 -18.48 0.65 -15.46
CA SER A 281 -19.76 0.87 -14.78
C SER A 281 -19.68 2.07 -13.84
N CYS A 282 -20.79 2.79 -13.74
N CYS A 282 -20.79 2.79 -13.76
CA CYS A 282 -20.91 3.89 -12.80
CA CYS A 282 -20.90 3.89 -12.81
C CYS A 282 -21.63 3.49 -11.52
C CYS A 282 -21.68 3.51 -11.56
N MET A 283 -21.99 2.23 -11.37
CA MET A 283 -22.74 1.78 -10.22
C MET A 283 -21.88 1.78 -8.95
N HIS A 284 -22.41 2.35 -7.88
CA HIS A 284 -21.74 2.27 -6.59
C HIS A 284 -21.71 0.82 -6.13
N ARG A 285 -20.59 0.41 -5.55
CA ARG A 285 -20.34 -0.94 -5.08
C ARG A 285 -20.20 -0.92 -3.57
N GLN A 286 -21.34 -0.91 -2.87
CA GLN A 286 -21.30 -0.82 -1.41
C GLN A 286 -20.48 -1.95 -0.81
N GLU A 287 -20.63 -3.17 -1.33
CA GLU A 287 -19.91 -4.29 -0.75
C GLU A 287 -18.41 -4.10 -0.87
N THR A 288 -17.97 -3.46 -1.95
CA THR A 288 -16.54 -3.19 -2.12
C THR A 288 -16.02 -2.28 -1.03
N VAL A 289 -16.76 -1.18 -0.76
CA VAL A 289 -16.30 -0.26 0.27
C VAL A 289 -16.33 -0.92 1.64
N ASP A 290 -17.37 -1.71 1.91
CA ASP A 290 -17.43 -2.42 3.19
C ASP A 290 -16.27 -3.39 3.34
N CYS A 291 -15.93 -4.12 2.28
CA CYS A 291 -14.78 -5.02 2.34
C CYS A 291 -13.48 -4.25 2.49
N LEU A 292 -13.36 -3.13 1.79
CA LEU A 292 -12.13 -2.35 1.88
C LEU A 292 -11.92 -1.86 3.31
N LYS A 293 -13.02 -1.52 4.00
CA LYS A 293 -12.90 -1.11 5.40
C LYS A 293 -12.30 -2.24 6.23
N LYS A 294 -12.73 -3.48 5.97
CA LYS A 294 -12.17 -4.62 6.69
C LYS A 294 -10.75 -4.94 6.21
N PHE A 295 -10.48 -4.75 4.91
CA PHE A 295 -9.13 -4.92 4.39
C PHE A 295 -8.16 -4.01 5.11
N ASN A 296 -8.51 -2.72 5.18
CA ASN A 296 -7.65 -1.78 5.87
C ASN A 296 -7.48 -2.16 7.32
N ALA A 297 -8.55 -2.65 7.96
CA ALA A 297 -8.46 -3.03 9.36
C ALA A 297 -7.53 -4.22 9.56
N ARG A 298 -7.66 -5.26 8.73
CA ARG A 298 -6.78 -6.42 8.85
C ARG A 298 -5.32 -6.02 8.66
N ARG A 299 -5.04 -5.17 7.67
CA ARG A 299 -3.67 -4.69 7.43
C ARG A 299 -3.10 -4.04 8.68
N LYS A 300 -3.85 -3.08 9.24
CA LYS A 300 -3.39 -2.35 10.41
C LYS A 300 -3.13 -3.29 11.58
N LEU A 301 -4.05 -4.24 11.81
CA LEU A 301 -3.89 -5.14 12.94
C LEU A 301 -2.75 -6.12 12.72
N LYS A 302 -2.55 -6.56 11.48
CA LYS A 302 -1.46 -7.48 11.19
C LYS A 302 -0.12 -6.88 11.62
N GLY A 303 0.11 -5.60 11.26
CA GLY A 303 1.34 -4.95 11.63
C GLY A 303 1.39 -4.57 13.10
N ALA A 304 0.24 -4.17 13.67
CA ALA A 304 0.19 -3.78 15.07
C ALA A 304 0.27 -4.96 16.02
N ILE A 305 -0.28 -6.11 15.64
CA ILE A 305 -0.17 -7.30 16.46
C ILE A 305 1.26 -7.84 16.45
N LEU A 306 1.94 -7.74 15.31
CA LEU A 306 3.35 -8.14 15.26
C LEU A 306 4.24 -7.13 15.99
N ALA A 307 3.91 -5.83 15.88
CA ALA A 307 4.68 -4.81 16.59
C ALA A 307 4.56 -4.97 18.10
N ALA A 308 3.42 -5.44 18.59
CA ALA A 308 3.26 -5.69 20.02
C ALA A 308 3.97 -6.98 20.44
N MET A 309 4.05 -7.96 19.55
CA MET A 309 4.83 -9.16 19.80
C MET A 309 6.32 -8.83 19.65
N SER B 1 5.79 2.31 2.92
CA SER B 1 4.57 2.22 3.73
C SER B 1 4.70 2.97 5.07
N ASN B 2 3.57 3.34 5.65
CA ASN B 2 3.56 3.98 6.96
C ASN B 2 3.39 2.90 8.03
N ALA B 3 4.35 2.83 8.95
CA ALA B 3 4.37 1.85 10.04
C ALA B 3 3.75 2.36 11.32
N THR B 4 3.26 3.60 11.33
CA THR B 4 2.67 4.18 12.55
C THR B 4 1.39 3.45 12.91
N ASP B 5 1.35 2.92 14.13
CA ASP B 5 0.15 2.30 14.70
C ASP B 5 -0.20 3.06 15.97
N THR B 6 -1.43 3.58 16.02
CA THR B 6 -1.94 4.26 17.19
C THR B 6 -3.06 3.44 17.82
N ALA B 7 -3.36 3.77 19.08
CA ALA B 7 -4.41 3.07 19.80
C ALA B 7 -5.77 3.26 19.12
N GLU B 8 -6.07 4.50 18.71
CA GLU B 8 -7.36 4.76 18.06
C GLU B 8 -7.50 3.94 16.79
N GLN B 9 -6.41 3.75 16.05
CA GLN B 9 -6.47 2.94 14.83
C GLN B 9 -6.65 1.47 15.16
N VAL B 10 -5.98 0.99 16.21
CA VAL B 10 -6.09 -0.42 16.58
C VAL B 10 -7.49 -0.73 17.09
N ILE B 11 -8.01 0.10 17.99
CA ILE B 11 -9.36 -0.10 18.52
C ILE B 11 -10.38 -0.06 17.40
N ALA B 12 -10.27 0.94 16.52
CA ALA B 12 -11.21 1.07 15.42
C ALA B 12 -11.11 -0.08 14.44
N SER B 13 -9.90 -0.61 14.24
CA SER B 13 -9.73 -1.78 13.38
C SER B 13 -10.38 -3.01 14.00
N PHE B 14 -10.12 -3.26 15.29
CA PHE B 14 -10.83 -4.34 15.97
C PHE B 14 -12.34 -4.13 15.89
N ARG B 15 -12.79 -2.89 16.09
CA ARG B 15 -14.23 -2.65 16.06
C ARG B 15 -14.80 -2.94 14.68
N ILE B 16 -14.04 -2.60 13.64
CA ILE B 16 -14.44 -2.94 12.27
C ILE B 16 -14.53 -4.45 12.08
N LEU B 17 -13.52 -5.19 12.55
CA LEU B 17 -13.57 -6.65 12.41
C LEU B 17 -14.64 -7.26 13.30
N ALA B 18 -15.04 -6.58 14.36
CA ALA B 18 -16.14 -6.99 15.21
C ALA B 18 -17.49 -6.50 14.68
N SER B 19 -17.53 -6.03 13.43
CA SER B 19 -18.77 -5.56 12.80
C SER B 19 -19.46 -4.49 13.64
N ASP B 20 -18.66 -3.58 14.19
CA ASP B 20 -19.08 -2.42 14.96
C ASP B 20 -19.59 -2.74 16.37
N LYS B 21 -19.41 -3.98 16.84
CA LYS B 21 -19.74 -4.27 18.22
C LYS B 21 -18.69 -3.68 19.16
N PRO B 22 -19.07 -3.39 20.40
CA PRO B 22 -18.10 -2.87 21.38
C PRO B 22 -17.19 -3.93 21.97
N TYR B 23 -17.34 -5.19 21.54
CA TYR B 23 -16.49 -6.29 21.94
C TYR B 23 -16.26 -7.13 20.70
N ILE B 24 -15.31 -8.06 20.79
CA ILE B 24 -15.05 -8.97 19.68
C ILE B 24 -15.10 -10.40 20.23
N LEU B 25 -15.37 -11.35 19.35
CA LEU B 25 -15.47 -12.74 19.73
C LEU B 25 -14.24 -13.52 19.29
N ALA B 26 -14.02 -14.65 19.97
CA ALA B 26 -12.92 -15.54 19.57
C ALA B 26 -13.09 -16.02 18.14
N GLU B 27 -14.30 -16.47 17.78
CA GLU B 27 -14.52 -16.97 16.43
C GLU B 27 -14.38 -15.87 15.38
N GLU B 28 -14.62 -14.61 15.76
CA GLU B 28 -14.37 -13.52 14.82
C GLU B 28 -12.89 -13.29 14.64
N LEU B 29 -12.12 -13.37 15.73
CA LEU B 29 -10.67 -13.30 15.62
C LEU B 29 -10.11 -14.44 14.78
N ARG B 30 -10.66 -15.65 14.96
CA ARG B 30 -10.14 -16.79 14.20
C ARG B 30 -10.48 -16.67 12.72
N ARG B 31 -11.65 -16.11 12.40
CA ARG B 31 -12.00 -15.94 11.00
C ARG B 31 -11.12 -14.89 10.33
N GLU B 32 -10.81 -13.80 11.04
CA GLU B 32 -10.26 -12.62 10.40
C GLU B 32 -8.75 -12.47 10.51
N LEU B 33 -8.10 -13.17 11.42
CA LEU B 33 -6.68 -13.01 11.65
C LEU B 33 -5.95 -14.32 11.40
N PRO B 34 -4.64 -14.27 11.14
CA PRO B 34 -3.87 -15.51 11.07
C PRO B 34 -4.04 -16.32 12.34
N PRO B 35 -4.10 -17.66 12.23
CA PRO B 35 -4.28 -18.49 13.44
C PRO B 35 -3.36 -18.14 14.59
N ASP B 36 -2.11 -17.78 14.31
CA ASP B 36 -1.20 -17.37 15.36
C ASP B 36 -1.65 -16.05 15.99
N GLN B 37 -1.93 -15.05 15.16
CA GLN B 37 -2.42 -13.78 15.66
C GLN B 37 -3.80 -13.88 16.26
N ALA B 38 -4.60 -14.86 15.84
CA ALA B 38 -5.92 -15.06 16.44
C ALA B 38 -5.80 -15.60 17.86
N GLN B 39 -4.85 -16.49 18.10
CA GLN B 39 -4.69 -17.05 19.45
C GLN B 39 -4.04 -16.05 20.40
N TYR B 40 -3.24 -15.11 19.87
CA TYR B 40 -2.56 -14.14 20.72
C TYR B 40 -3.56 -13.23 21.44
N CYS B 41 -4.44 -12.58 20.69
CA CYS B 41 -5.44 -11.69 21.30
C CYS B 41 -6.39 -12.48 22.19
N ILE B 42 -6.79 -13.68 21.77
CA ILE B 42 -7.70 -14.50 22.58
C ILE B 42 -7.11 -14.74 23.96
N LYS B 43 -5.79 -14.90 24.05
CA LYS B 43 -5.15 -15.15 25.34
C LYS B 43 -4.94 -13.87 26.16
N ARG B 44 -4.84 -12.71 25.51
CA ARG B 44 -4.46 -11.48 26.19
C ARG B 44 -5.57 -10.44 26.26
N MET B 45 -6.76 -10.72 25.71
CA MET B 45 -7.87 -9.80 25.79
C MET B 45 -8.71 -10.11 27.03
N PRO B 46 -8.95 -9.15 27.92
CA PRO B 46 -9.82 -9.43 29.07
C PRO B 46 -11.28 -9.56 28.64
N ALA B 47 -12.07 -10.18 29.53
CA ALA B 47 -13.48 -10.35 29.27
C ALA B 47 -14.17 -8.98 29.23
N TYR B 48 -15.09 -8.81 28.30
CA TYR B 48 -15.86 -7.58 28.17
C TYR B 48 -17.14 -7.72 28.99
N SER B 49 -17.35 -6.77 29.90
CA SER B 49 -18.53 -6.77 30.76
C SER B 49 -19.38 -5.52 30.60
N GLY B 50 -19.05 -4.66 29.63
CA GLY B 50 -19.76 -3.43 29.42
C GLY B 50 -21.12 -3.63 28.80
N PRO B 51 -21.71 -2.55 28.31
CA PRO B 51 -23.07 -2.64 27.75
C PRO B 51 -23.12 -3.59 26.56
N GLY B 52 -24.09 -4.50 26.60
CA GLY B 52 -24.29 -5.43 25.51
C GLY B 52 -23.38 -6.64 25.51
N SER B 53 -22.78 -6.97 26.66
N SER B 53 -22.78 -6.97 26.66
CA SER B 53 -21.89 -8.11 26.73
CA SER B 53 -21.89 -8.11 26.73
C SER B 53 -22.66 -9.42 26.54
C SER B 53 -22.65 -9.42 26.55
N VAL B 54 -21.97 -10.40 25.97
CA VAL B 54 -22.50 -11.74 25.76
C VAL B 54 -21.43 -12.73 26.18
N PRO B 55 -21.73 -14.00 26.35
CA PRO B 55 -20.67 -14.98 26.66
C PRO B 55 -19.63 -15.02 25.56
N GLY B 56 -18.36 -14.94 25.96
CA GLY B 56 -17.26 -14.92 25.02
C GLY B 56 -16.82 -13.54 24.58
N ALA B 57 -17.53 -12.49 24.99
CA ALA B 57 -17.18 -11.14 24.58
C ALA B 57 -15.79 -10.78 25.11
N LEU B 58 -14.93 -10.32 24.21
CA LEU B 58 -13.56 -9.94 24.55
C LEU B 58 -13.38 -8.44 24.42
N ASP B 59 -12.64 -7.86 25.36
CA ASP B 59 -12.50 -6.41 25.47
C ASP B 59 -11.28 -5.99 24.66
N TYR B 60 -11.48 -5.84 23.34
CA TYR B 60 -10.38 -5.40 22.49
C TYR B 60 -9.93 -3.99 22.83
N ALA B 61 -10.81 -3.18 23.40
CA ALA B 61 -10.44 -1.81 23.75
C ALA B 61 -9.46 -1.80 24.91
N ALA B 62 -9.75 -2.56 25.97
CA ALA B 62 -8.81 -2.70 27.07
C ALA B 62 -7.50 -3.31 26.60
N PHE B 63 -7.58 -4.34 25.75
CA PHE B 63 -6.37 -4.95 25.19
C PHE B 63 -5.54 -3.92 24.44
N SER B 64 -6.18 -3.10 23.62
CA SER B 64 -5.44 -2.20 22.73
C SER B 64 -4.73 -1.11 23.52
N SER B 65 -5.48 -0.38 24.36
CA SER B 65 -4.87 0.72 25.10
C SER B 65 -3.86 0.25 26.15
N ALA B 66 -3.88 -1.04 26.52
CA ALA B 66 -2.82 -1.56 27.37
C ALA B 66 -1.46 -1.39 26.70
N LEU B 67 -1.40 -1.56 25.39
CA LEU B 67 -0.16 -1.40 24.64
C LEU B 67 -0.06 0.04 24.15
N TYR B 68 -0.79 0.35 23.09
CA TYR B 68 -0.75 1.67 22.48
C TYR B 68 -1.52 2.70 23.31
#